data_7KPM
#
_entry.id   7KPM
#
_cell.length_a   33.134
_cell.length_b   91.362
_cell.length_c   96.910
_cell.angle_alpha   90.000
_cell.angle_beta   90.000
_cell.angle_gamma   90.000
#
_symmetry.space_group_name_H-M   'P 21 21 21'
#
loop_
_entity.id
_entity.type
_entity.pdbx_description
1 polymer 'Ephrin type-B receptor 1'
2 non-polymer "ADENOSINE-5'-DIPHOSPHATE"
3 water water
#
_entity_poly.entity_id   1
_entity_poly.type   'polypeptide(L)'
_entity_poly.pdbx_seq_one_letter_code
;AKEIDVSFVKIEEVIGAGEFGEVYKGRLKLPGKREI(PTR)VAIKTLKAGYSEKQRRDFLSEASIMGQFDHPNIIRLEGV
VTKSRPVMIITEFMENGALDSFLRQNDGQFTVIQLVGMLRGIAAGMKYLAEMNYVHRDLAARNILVNSNLVCKVSDFGLS
RYLQDDTSDPTYTSSLGGKIPVRWTAPEAIAYRKFTSASDVWSYGIVMWEVMSFGERPYWDMSNQDVINAIEQDYRLPPP
MDCPAALHQLMLDCWQKDRNSRPRFAEIVNTLDKMIRNPASLK
;
_entity_poly.pdbx_strand_id   A
#
# COMPACT_ATOMS: atom_id res chain seq x y z
N ALA A 1 -14.28 13.69 8.30
CA ALA A 1 -14.50 14.50 7.11
C ALA A 1 -14.35 15.99 7.38
N LYS A 2 -13.15 16.46 7.70
CA LYS A 2 -12.95 17.87 7.99
C LYS A 2 -13.04 18.71 6.70
N GLU A 3 -13.86 19.75 6.69
CA GLU A 3 -13.95 20.62 5.51
C GLU A 3 -12.82 21.63 5.53
N ILE A 4 -12.11 21.74 4.41
CA ILE A 4 -10.97 22.64 4.29
C ILE A 4 -11.35 23.75 3.30
N ASP A 5 -11.25 25.00 3.73
CA ASP A 5 -11.43 26.13 2.84
C ASP A 5 -10.34 26.14 1.77
N VAL A 6 -10.73 26.25 0.50
CA VAL A 6 -9.78 26.10 -0.61
C VAL A 6 -8.77 27.23 -0.61
N SER A 7 -9.08 28.35 0.06
CA SER A 7 -8.12 29.45 0.12
C SER A 7 -6.92 29.07 0.99
N PHE A 8 -7.03 28.03 1.81
CA PHE A 8 -5.89 27.60 2.64
C PHE A 8 -4.96 26.66 1.88
N VAL A 9 -5.27 26.35 0.64
CA VAL A 9 -4.55 25.33 -0.13
C VAL A 9 -3.85 26.01 -1.30
N LYS A 10 -2.56 25.72 -1.47
CA LYS A 10 -1.80 26.18 -2.63
C LYS A 10 -1.45 24.95 -3.45
N ILE A 11 -1.92 24.90 -4.68
CA ILE A 11 -1.64 23.77 -5.55
C ILE A 11 -0.35 24.00 -6.31
N GLU A 12 0.53 22.99 -6.28
CA GLU A 12 1.81 23.08 -6.98
C GLU A 12 1.87 21.99 -8.03
N GLU A 13 2.97 21.28 -8.15
CA GLU A 13 3.18 20.48 -9.36
C GLU A 13 2.44 19.14 -9.30
N VAL A 14 2.15 18.60 -10.50
CA VAL A 14 1.50 17.28 -10.56
C VAL A 14 2.47 16.20 -10.12
N ILE A 15 1.99 15.23 -9.34
CA ILE A 15 2.87 14.18 -8.83
C ILE A 15 2.35 12.79 -9.13
N GLY A 16 1.27 12.67 -9.87
CA GLY A 16 0.70 11.37 -10.09
C GLY A 16 -0.65 11.42 -10.78
N ALA A 17 -1.09 10.28 -11.27
CA ALA A 17 -2.40 10.20 -11.88
C ALA A 17 -3.01 8.89 -11.45
N GLY A 18 -4.24 8.95 -10.95
CA GLY A 18 -4.95 7.77 -10.55
C GLY A 18 -6.17 7.57 -11.41
N GLU A 19 -7.00 6.61 -10.98
CA GLU A 19 -8.25 6.34 -11.67
C GLU A 19 -9.17 7.57 -11.67
N PHE A 20 -9.17 8.35 -10.58
CA PHE A 20 -10.13 9.46 -10.47
C PHE A 20 -9.64 10.70 -11.21
N GLY A 21 -8.34 10.98 -11.15
CA GLY A 21 -7.80 12.20 -11.71
C GLY A 21 -6.41 12.47 -11.20
N GLU A 22 -5.91 13.64 -11.57
CA GLU A 22 -4.55 14.02 -11.26
C GLU A 22 -4.40 14.28 -9.77
N VAL A 23 -3.20 14.01 -9.29
CA VAL A 23 -2.80 14.25 -7.90
C VAL A 23 -1.69 15.27 -7.96
N TYR A 24 -1.75 16.28 -7.11
CA TYR A 24 -0.79 17.38 -7.07
C TYR A 24 -0.11 17.46 -5.72
N LYS A 25 1.14 17.93 -5.71
CA LYS A 25 1.74 18.39 -4.47
C LYS A 25 1.14 19.77 -4.14
N GLY A 26 0.98 20.05 -2.86
CA GLY A 26 0.48 21.37 -2.47
C GLY A 26 0.91 21.68 -1.05
N ARG A 27 0.52 22.87 -0.61
CA ARG A 27 0.78 23.35 0.73
C ARG A 27 -0.55 23.68 1.40
N LEU A 28 -0.70 23.28 2.65
CA LEU A 28 -1.89 23.57 3.42
C LEU A 28 -1.49 24.43 4.61
N LYS A 29 -2.05 25.65 4.71
CA LYS A 29 -1.77 26.59 5.81
C LYS A 29 -3.08 26.94 6.50
N LEU A 30 -3.40 26.26 7.57
CA LEU A 30 -4.59 26.58 8.35
C LEU A 30 -4.27 27.77 9.26
N PRO A 31 -5.23 28.64 9.56
CA PRO A 31 -4.96 29.77 10.46
C PRO A 31 -4.37 29.31 11.79
N GLY A 32 -3.27 29.97 12.20
CA GLY A 32 -2.64 29.68 13.47
C GLY A 32 -1.78 28.45 13.50
N LYS A 33 -1.73 27.68 12.40
CA LYS A 33 -1.05 26.41 12.36
C LYS A 33 0.08 26.42 11.33
N ARG A 34 1.11 25.61 11.63
CA ARG A 34 2.33 25.52 10.79
C ARG A 34 2.01 24.87 9.44
N GLU A 35 2.41 25.52 8.34
CA GLU A 35 2.20 24.97 6.98
C GLU A 35 2.69 23.54 6.89
N ILE A 36 1.91 22.70 6.20
CA ILE A 36 2.40 21.35 5.86
C ILE A 36 2.27 21.09 4.38
N VAL A 38 0.94 18.66 1.42
CA VAL A 38 -0.18 17.74 1.24
C VAL A 38 -0.14 17.23 -0.20
N ALA A 39 -0.83 16.12 -0.41
CA ALA A 39 -1.22 15.71 -1.75
C ALA A 39 -2.66 16.12 -1.97
N ILE A 40 -2.94 16.67 -3.15
CA ILE A 40 -4.30 17.15 -3.46
C ILE A 40 -4.80 16.23 -4.56
N LYS A 41 -5.80 15.43 -4.24
CA LYS A 41 -6.39 14.53 -5.25
C LYS A 41 -7.60 15.19 -5.90
N THR A 42 -7.63 15.14 -7.23
CA THR A 42 -8.65 15.81 -7.98
C THR A 42 -9.38 14.79 -8.84
N LEU A 43 -10.51 15.22 -9.34
CA LEU A 43 -11.39 14.41 -10.14
C LEU A 43 -11.37 14.93 -11.57
N LYS A 44 -11.26 14.03 -12.56
CA LYS A 44 -11.15 14.47 -13.95
C LYS A 44 -12.27 15.47 -14.32
N ALA A 45 -11.89 16.51 -15.05
CA ALA A 45 -12.83 17.55 -15.47
C ALA A 45 -14.08 16.96 -16.12
N GLY A 46 -15.21 17.55 -15.76
CA GLY A 46 -16.50 17.18 -16.35
C GLY A 46 -17.24 16.13 -15.52
N TYR A 47 -16.80 15.85 -14.31
CA TYR A 47 -17.37 14.76 -13.51
C TYR A 47 -18.83 15.02 -13.25
N SER A 48 -19.61 13.91 -13.18
CA SER A 48 -21.02 13.97 -12.86
C SER A 48 -21.21 13.94 -11.35
N GLU A 49 -22.46 14.13 -10.93
CA GLU A 49 -22.77 13.99 -9.49
C GLU A 49 -22.47 12.58 -8.99
N LYS A 50 -22.76 11.56 -9.79
CA LYS A 50 -22.43 10.20 -9.34
C LYS A 50 -20.92 9.98 -9.23
N GLN A 51 -20.14 10.58 -10.14
CA GLN A 51 -18.70 10.42 -10.03
C GLN A 51 -18.18 11.18 -8.81
N ARG A 52 -18.80 12.31 -8.50
CA ARG A 52 -18.42 13.07 -7.31
C ARG A 52 -18.66 12.26 -6.05
N ARG A 53 -19.82 11.59 -5.97
CA ARG A 53 -20.12 10.79 -4.78
C ARG A 53 -19.14 9.63 -4.65
N ASP A 54 -18.82 8.96 -5.77
CA ASP A 54 -17.88 7.84 -5.73
C ASP A 54 -16.48 8.31 -5.33
N PHE A 55 -16.07 9.49 -5.79
CA PHE A 55 -14.76 10.02 -5.41
C PHE A 55 -14.71 10.32 -3.93
N LEU A 56 -15.75 10.97 -3.40
CA LEU A 56 -15.75 11.35 -2.00
C LEU A 56 -15.90 10.14 -1.09
N SER A 57 -16.37 9.02 -1.64
CA SER A 57 -16.42 7.82 -0.82
C SER A 57 -15.02 7.32 -0.47
N GLU A 58 -14.04 7.57 -1.33
CA GLU A 58 -12.66 7.35 -0.94
C GLU A 58 -12.31 8.10 0.35
N ALA A 59 -12.70 9.37 0.44
CA ALA A 59 -12.41 10.15 1.63
C ALA A 59 -13.16 9.63 2.85
N SER A 60 -14.40 9.17 2.66
CA SER A 60 -15.16 8.71 3.82
C SER A 60 -14.56 7.41 4.37
N ILE A 61 -14.09 6.53 3.48
CA ILE A 61 -13.36 5.32 3.96
C ILE A 61 -12.09 5.73 4.69
N MET A 62 -11.27 6.55 4.03
CA MET A 62 -10.00 6.97 4.62
C MET A 62 -10.19 7.66 5.97
N GLY A 63 -11.26 8.46 6.11
CA GLY A 63 -11.43 9.20 7.34
C GLY A 63 -11.80 8.34 8.53
N GLN A 64 -12.14 7.07 8.30
CA GLN A 64 -12.46 6.16 9.40
C GLN A 64 -11.20 5.64 10.07
N PHE A 65 -10.04 5.85 9.48
CA PHE A 65 -8.81 5.21 9.96
C PHE A 65 -7.91 6.25 10.63
N ASP A 66 -7.14 5.82 11.62
CA ASP A 66 -6.21 6.73 12.27
C ASP A 66 -5.05 5.87 12.74
N HIS A 67 -4.06 5.70 11.87
CA HIS A 67 -2.99 4.77 12.18
C HIS A 67 -1.74 5.25 11.45
N PRO A 68 -0.55 5.12 12.04
CA PRO A 68 0.65 5.70 11.43
C PRO A 68 1.02 5.08 10.11
N ASN A 69 0.53 3.90 9.78
CA ASN A 69 0.85 3.25 8.50
C ASN A 69 -0.35 3.18 7.58
N ILE A 70 -1.32 4.07 7.75
CA ILE A 70 -2.44 4.24 6.81
C ILE A 70 -2.43 5.72 6.41
N ILE A 71 -2.50 6.01 5.10
CA ILE A 71 -2.47 7.41 4.66
C ILE A 71 -3.54 8.24 5.37
N ARG A 72 -3.12 9.37 5.92
CA ARG A 72 -3.94 10.29 6.70
C ARG A 72 -4.73 11.22 5.77
N LEU A 73 -6.03 11.31 6.03
CA LEU A 73 -6.89 12.32 5.40
C LEU A 73 -6.78 13.63 6.16
N GLU A 74 -6.29 14.68 5.50
CA GLU A 74 -6.32 15.99 6.14
C GLU A 74 -7.72 16.61 6.09
N GLY A 75 -8.40 16.47 4.96
CA GLY A 75 -9.74 17.00 4.88
C GLY A 75 -10.18 16.97 3.43
N VAL A 76 -11.36 17.55 3.18
CA VAL A 76 -11.92 17.56 1.83
C VAL A 76 -12.30 18.99 1.51
N VAL A 77 -12.35 19.30 0.21
CA VAL A 77 -12.91 20.55 -0.28
C VAL A 77 -14.19 20.20 -1.02
N THR A 78 -15.34 20.56 -0.43
CA THR A 78 -16.64 20.22 -0.99
C THR A 78 -17.57 21.41 -1.10
N LYS A 79 -17.29 22.52 -0.42
CA LYS A 79 -18.17 23.69 -0.51
C LYS A 79 -17.93 24.48 -1.77
N SER A 80 -16.76 24.31 -2.40
CA SER A 80 -16.43 25.00 -3.63
C SER A 80 -16.17 23.97 -4.72
N ARG A 81 -16.18 24.43 -5.96
CA ARG A 81 -15.89 23.58 -7.13
C ARG A 81 -14.53 23.95 -7.72
N PRO A 82 -13.70 22.97 -8.13
CA PRO A 82 -13.97 21.53 -8.06
C PRO A 82 -13.75 20.91 -6.69
N VAL A 83 -14.30 19.71 -6.51
CA VAL A 83 -14.04 18.94 -5.30
C VAL A 83 -12.58 18.49 -5.24
N MET A 84 -12.06 18.40 -4.00
CA MET A 84 -10.71 17.90 -3.78
C MET A 84 -10.66 17.04 -2.52
N ILE A 85 -9.77 16.04 -2.52
CA ILE A 85 -9.43 15.30 -1.31
C ILE A 85 -8.00 15.68 -0.96
N ILE A 86 -7.77 16.03 0.31
CA ILE A 86 -6.43 16.49 0.72
C ILE A 86 -5.86 15.45 1.70
N THR A 87 -4.71 14.87 1.36
CA THR A 87 -4.05 13.84 2.21
C THR A 87 -2.65 14.31 2.60
N GLU A 88 -2.08 13.61 3.59
CA GLU A 88 -0.67 13.89 3.90
C GLU A 88 0.20 13.63 2.68
N PHE A 89 1.29 14.41 2.55
CA PHE A 89 2.20 14.31 1.42
C PHE A 89 3.26 13.25 1.71
N MET A 90 3.47 12.36 0.75
CA MET A 90 4.51 11.31 0.90
C MET A 90 5.62 11.60 -0.12
N GLU A 91 6.77 12.09 0.39
CA GLU A 91 7.80 12.69 -0.45
C GLU A 91 8.36 11.69 -1.45
N ASN A 92 8.40 10.40 -1.09
CA ASN A 92 9.04 9.42 -1.97
C ASN A 92 8.05 8.62 -2.81
N GLY A 93 6.77 8.99 -2.81
CA GLY A 93 5.79 8.48 -3.75
C GLY A 93 5.57 6.99 -3.58
N ALA A 94 5.21 6.32 -4.68
CA ALA A 94 4.82 4.93 -4.58
C ALA A 94 6.04 4.06 -4.29
N LEU A 95 5.83 2.99 -3.50
CA LEU A 95 6.93 2.15 -3.03
C LEU A 95 7.63 1.40 -4.17
N ASP A 96 6.86 0.88 -5.14
CA ASP A 96 7.52 0.11 -6.21
C ASP A 96 8.48 0.98 -7.05
N SER A 97 8.03 2.18 -7.47
CA SER A 97 8.92 3.04 -8.23
C SER A 97 10.06 3.56 -7.37
N PHE A 98 9.81 3.85 -6.09
CA PHE A 98 10.87 4.27 -5.17
C PHE A 98 11.98 3.23 -5.10
N LEU A 99 11.62 1.96 -4.90
CA LEU A 99 12.68 0.96 -4.83
C LEU A 99 13.39 0.79 -6.17
N ARG A 100 12.67 0.79 -7.31
CA ARG A 100 13.31 0.58 -8.62
C ARG A 100 14.24 1.70 -8.98
N GLN A 101 14.02 2.89 -8.41
CA GLN A 101 14.91 4.01 -8.64
C GLN A 101 16.07 4.06 -7.64
N ASN A 102 16.08 3.16 -6.67
CA ASN A 102 17.07 3.10 -5.59
C ASN A 102 17.57 1.68 -5.41
N ASP A 103 17.80 0.97 -6.52
CA ASP A 103 18.13 -0.45 -6.46
C ASP A 103 19.39 -0.68 -5.64
N GLY A 104 19.28 -1.51 -4.61
CA GLY A 104 20.42 -1.85 -3.78
C GLY A 104 20.78 -0.85 -2.72
N GLN A 105 20.08 0.29 -2.65
CA GLN A 105 20.52 1.41 -1.86
C GLN A 105 19.96 1.41 -0.43
N PHE A 106 19.19 0.39 -0.05
CA PHE A 106 18.71 0.25 1.31
C PHE A 106 19.22 -1.05 1.89
N THR A 107 19.48 -1.03 3.21
CA THR A 107 19.92 -2.25 3.87
C THR A 107 18.75 -3.20 4.12
N VAL A 108 19.10 -4.46 4.39
CA VAL A 108 18.05 -5.44 4.75
C VAL A 108 17.24 -4.95 5.94
N ILE A 109 17.90 -4.43 6.98
CA ILE A 109 17.12 -4.02 8.14
C ILE A 109 16.20 -2.84 7.80
N GLN A 110 16.64 -1.92 6.92
CA GLN A 110 15.73 -0.83 6.49
C GLN A 110 14.52 -1.41 5.78
N LEU A 111 14.75 -2.39 4.90
CA LEU A 111 13.65 -2.98 4.15
C LEU A 111 12.70 -3.72 5.08
N VAL A 112 13.24 -4.42 6.07
CA VAL A 112 12.36 -5.10 7.03
C VAL A 112 11.51 -4.09 7.81
N GLY A 113 12.10 -2.95 8.19
CA GLY A 113 11.31 -1.93 8.87
C GLY A 113 10.18 -1.42 8.00
N MET A 114 10.43 -1.29 6.70
CA MET A 114 9.36 -0.89 5.77
C MET A 114 8.26 -1.92 5.79
N LEU A 115 8.65 -3.19 5.67
CA LEU A 115 7.65 -4.26 5.67
C LEU A 115 6.88 -4.33 6.99
N ARG A 116 7.56 -4.06 8.10
CA ARG A 116 6.86 -4.10 9.38
C ARG A 116 5.80 -3.01 9.47
N GLY A 117 6.11 -1.81 8.95
CA GLY A 117 5.12 -0.75 8.89
C GLY A 117 3.91 -1.14 8.06
N ILE A 118 4.14 -1.73 6.90
CA ILE A 118 3.02 -2.12 6.03
C ILE A 118 2.17 -3.17 6.74
N ALA A 119 2.83 -4.14 7.38
CA ALA A 119 2.08 -5.17 8.11
C ALA A 119 1.26 -4.59 9.25
N ALA A 120 1.78 -3.58 9.95
CA ALA A 120 1.02 -2.95 11.04
C ALA A 120 -0.19 -2.21 10.51
N GLY A 121 -0.04 -1.52 9.36
CA GLY A 121 -1.20 -0.89 8.76
C GLY A 121 -2.25 -1.92 8.36
N MET A 122 -1.81 -3.01 7.72
CA MET A 122 -2.75 -4.07 7.33
C MET A 122 -3.42 -4.75 8.53
N LYS A 123 -2.68 -5.00 9.60
CA LYS A 123 -3.29 -5.53 10.81
C LYS A 123 -4.44 -4.64 11.26
N TYR A 124 -4.20 -3.32 11.26
CA TYR A 124 -5.23 -2.38 11.68
C TYR A 124 -6.44 -2.46 10.76
N LEU A 125 -6.23 -2.51 9.43
CA LEU A 125 -7.35 -2.66 8.50
C LEU A 125 -8.13 -3.94 8.77
N ALA A 126 -7.42 -5.06 8.95
CA ALA A 126 -8.08 -6.33 9.19
C ALA A 126 -8.90 -6.30 10.49
N GLU A 127 -8.35 -5.67 11.55
CA GLU A 127 -9.08 -5.57 12.81
C GLU A 127 -10.38 -4.79 12.64
N MET A 128 -10.41 -3.83 11.71
CA MET A 128 -11.59 -3.04 11.38
C MET A 128 -12.47 -3.68 10.31
N ASN A 129 -12.19 -4.94 9.98
CA ASN A 129 -12.99 -5.73 9.04
C ASN A 129 -13.02 -5.06 7.68
N TYR A 130 -11.89 -4.50 7.29
CA TYR A 130 -11.74 -3.93 5.96
C TYR A 130 -10.80 -4.85 5.17
N VAL A 131 -11.29 -5.39 4.08
CA VAL A 131 -10.50 -6.21 3.18
C VAL A 131 -10.05 -5.30 2.03
N HIS A 132 -8.74 -5.22 1.81
CA HIS A 132 -8.23 -4.22 0.87
C HIS A 132 -8.43 -4.62 -0.59
N ARG A 133 -8.11 -5.87 -0.91
CA ARG A 133 -8.28 -6.53 -2.20
C ARG A 133 -7.26 -6.12 -3.25
N ASP A 134 -6.48 -5.04 -3.04
CA ASP A 134 -5.61 -4.52 -4.09
C ASP A 134 -4.24 -4.20 -3.53
N LEU A 135 -3.80 -4.95 -2.53
CA LEU A 135 -2.53 -4.65 -1.91
C LEU A 135 -1.37 -5.03 -2.84
N ALA A 136 -0.47 -4.07 -3.11
CA ALA A 136 0.66 -4.22 -4.04
C ALA A 136 1.60 -3.06 -3.73
N ALA A 137 2.89 -3.21 -4.09
CA ALA A 137 3.80 -2.13 -3.73
C ALA A 137 3.43 -0.81 -4.43
N ARG A 138 2.78 -0.88 -5.60
CA ARG A 138 2.36 0.37 -6.29
C ARG A 138 1.29 1.12 -5.50
N ASN A 139 0.63 0.46 -4.54
CA ASN A 139 -0.44 1.04 -3.74
C ASN A 139 -0.01 1.35 -2.32
N ILE A 140 1.30 1.38 -2.09
CA ILE A 140 1.87 1.78 -0.82
CA ILE A 140 1.88 1.77 -0.82
C ILE A 140 2.69 3.04 -1.07
N LEU A 141 2.59 4.02 -0.18
CA LEU A 141 3.32 5.28 -0.37
C LEU A 141 4.39 5.43 0.71
N VAL A 142 5.45 6.19 0.41
CA VAL A 142 6.64 6.24 1.27
C VAL A 142 6.97 7.68 1.58
N ASN A 143 7.18 7.99 2.86
CA ASN A 143 7.55 9.38 3.19
C ASN A 143 9.06 9.58 3.29
N SER A 144 9.45 10.81 3.67
CA SER A 144 10.86 11.19 3.67
CA SER A 144 10.87 11.16 3.65
C SER A 144 11.67 10.39 4.68
N ASN A 145 11.04 9.90 5.76
CA ASN A 145 11.71 9.07 6.75
C ASN A 145 11.55 7.57 6.49
N LEU A 146 11.17 7.20 5.28
CA LEU A 146 11.01 5.82 4.80
C LEU A 146 9.86 5.09 5.50
N VAL A 147 8.93 5.82 6.13
CA VAL A 147 7.72 5.19 6.66
C VAL A 147 6.78 4.86 5.53
N CYS A 148 6.29 3.61 5.49
CA CYS A 148 5.43 3.18 4.39
C CYS A 148 3.99 3.20 4.88
N LYS A 149 3.07 3.63 4.03
CA LYS A 149 1.67 3.70 4.43
C LYS A 149 0.77 3.16 3.32
N VAL A 150 -0.25 2.42 3.76
CA VAL A 150 -1.20 1.83 2.82
C VAL A 150 -2.13 2.90 2.28
N SER A 151 -2.36 2.85 0.95
CA SER A 151 -3.21 3.81 0.23
C SER A 151 -4.21 3.01 -0.60
N ASP A 152 -4.82 3.62 -1.62
CA ASP A 152 -5.70 2.91 -2.56
C ASP A 152 -7.01 2.41 -1.94
N PHE A 153 -7.78 3.35 -1.36
CA PHE A 153 -9.07 3.05 -0.71
C PHE A 153 -10.28 3.47 -1.57
N PRO A 177 -5.92 -7.87 -10.75
CA PRO A 177 -4.46 -7.95 -10.63
C PRO A 177 -4.01 -9.34 -10.21
N VAL A 178 -4.03 -10.23 -11.18
CA VAL A 178 -3.90 -11.67 -10.92
C VAL A 178 -2.67 -12.02 -10.11
N ARG A 179 -1.54 -11.39 -10.41
CA ARG A 179 -0.30 -11.87 -9.78
C ARG A 179 -0.13 -11.42 -8.32
N TRP A 180 -1.00 -10.57 -7.85
CA TRP A 180 -0.99 -10.17 -6.42
C TRP A 180 -2.15 -10.86 -5.68
N THR A 181 -2.96 -11.61 -6.37
CA THR A 181 -4.23 -12.10 -5.79
C THR A 181 -4.21 -13.57 -5.36
N ALA A 182 -4.74 -13.85 -4.18
CA ALA A 182 -4.69 -15.22 -3.69
C ALA A 182 -5.48 -16.12 -4.63
N PRO A 183 -5.11 -17.38 -4.75
CA PRO A 183 -5.78 -18.24 -5.72
C PRO A 183 -7.26 -18.43 -5.47
N GLU A 184 -7.71 -18.42 -4.20
CA GLU A 184 -9.14 -18.58 -3.96
C GLU A 184 -9.93 -17.31 -4.24
N ALA A 185 -9.24 -16.17 -4.26
CA ALA A 185 -9.90 -14.91 -4.63
C ALA A 185 -10.07 -14.88 -6.15
N ILE A 186 -9.08 -15.38 -6.86
CA ILE A 186 -9.21 -15.52 -8.33
C ILE A 186 -10.28 -16.57 -8.66
N ALA A 187 -10.15 -17.75 -8.12
CA ALA A 187 -11.02 -18.88 -8.54
C ALA A 187 -12.45 -18.76 -8.01
N TYR A 188 -12.63 -18.28 -6.81
CA TYR A 188 -13.98 -18.33 -6.22
C TYR A 188 -14.44 -16.94 -5.75
N ARG A 189 -13.68 -15.89 -6.06
CA ARG A 189 -14.04 -14.54 -5.63
C ARG A 189 -14.18 -14.43 -4.12
N LYS A 190 -13.44 -15.25 -3.36
CA LYS A 190 -13.42 -15.23 -1.90
C LYS A 190 -12.30 -14.28 -1.45
N PHE A 191 -12.66 -13.04 -1.16
CA PHE A 191 -11.70 -12.04 -0.70
C PHE A 191 -11.86 -11.87 0.81
N THR A 192 -10.76 -12.01 1.54
CA THR A 192 -10.79 -11.97 3.01
C THR A 192 -9.49 -11.33 3.46
N SER A 193 -9.36 -11.11 4.77
CA SER A 193 -8.04 -10.66 5.19
C SER A 193 -6.95 -11.69 4.88
N ALA A 194 -7.28 -13.01 4.79
CA ALA A 194 -6.27 -13.99 4.44
C ALA A 194 -5.86 -13.87 2.98
N SER A 195 -6.75 -13.44 2.08
CA SER A 195 -6.24 -13.18 0.74
C SER A 195 -5.39 -11.91 0.70
N ASP A 196 -5.64 -11.03 1.68
CA ASP A 196 -4.83 -9.79 1.86
C ASP A 196 -3.44 -10.22 2.31
N VAL A 197 -3.34 -11.30 3.10
CA VAL A 197 -2.01 -11.78 3.54
C VAL A 197 -1.22 -12.38 2.36
N TRP A 198 -1.90 -13.11 1.45
CA TRP A 198 -1.23 -13.58 0.22
C TRP A 198 -0.59 -12.39 -0.53
N SER A 199 -1.37 -11.33 -0.74
CA SER A 199 -0.89 -10.14 -1.43
C SER A 199 0.29 -9.55 -0.71
N TYR A 200 0.19 -9.50 0.63
CA TYR A 200 1.30 -8.98 1.43
C TYR A 200 2.58 -9.77 1.18
N GLY A 201 2.49 -11.11 1.08
CA GLY A 201 3.69 -11.88 0.75
C GLY A 201 4.28 -11.44 -0.57
N ILE A 202 3.42 -11.16 -1.57
CA ILE A 202 3.93 -10.65 -2.86
C ILE A 202 4.62 -9.32 -2.66
N VAL A 203 4.02 -8.43 -1.85
CA VAL A 203 4.67 -7.15 -1.53
C VAL A 203 6.02 -7.38 -0.88
N MET A 204 6.10 -8.35 0.07
CA MET A 204 7.43 -8.64 0.66
C MET A 204 8.46 -8.97 -0.43
N TRP A 205 8.06 -9.78 -1.42
CA TRP A 205 8.98 -10.15 -2.49
C TRP A 205 9.34 -8.95 -3.34
N GLU A 206 8.36 -8.08 -3.62
CA GLU A 206 8.64 -6.83 -4.35
C GLU A 206 9.65 -5.99 -3.61
N VAL A 207 9.46 -5.87 -2.30
CA VAL A 207 10.37 -5.01 -1.55
C VAL A 207 11.77 -5.60 -1.54
N MET A 208 11.90 -6.89 -1.23
CA MET A 208 13.25 -7.47 -1.08
C MET A 208 13.95 -7.64 -2.43
N SER A 209 13.23 -7.56 -3.55
CA SER A 209 13.82 -7.55 -4.88
C SER A 209 14.01 -6.13 -5.45
N PHE A 210 13.77 -5.09 -4.63
CA PHE A 210 13.87 -3.70 -5.08
C PHE A 210 12.95 -3.43 -6.28
N GLY A 211 11.75 -3.97 -6.22
CA GLY A 211 10.73 -3.67 -7.22
C GLY A 211 10.73 -4.52 -8.47
N GLU A 212 11.25 -5.76 -8.43
CA GLU A 212 11.05 -6.64 -9.57
C GLU A 212 9.57 -6.95 -9.77
N ARG A 213 9.22 -7.31 -10.98
CA ARG A 213 7.83 -7.68 -11.25
C ARG A 213 7.59 -9.11 -10.78
N PRO A 214 6.55 -9.36 -9.98
CA PRO A 214 6.25 -10.74 -9.53
C PRO A 214 6.03 -11.63 -10.74
N TYR A 215 6.68 -12.79 -10.77
CA TYR A 215 6.58 -13.78 -11.85
C TYR A 215 7.09 -13.24 -13.20
N TRP A 216 7.78 -12.09 -13.18
CA TRP A 216 8.49 -11.54 -14.34
C TRP A 216 7.59 -11.50 -15.56
N ASP A 217 7.98 -12.14 -16.67
CA ASP A 217 7.17 -12.02 -17.87
CA ASP A 217 7.31 -12.19 -17.96
C ASP A 217 6.15 -13.16 -18.06
N MET A 218 5.93 -14.00 -17.05
CA MET A 218 4.89 -15.01 -17.15
C MET A 218 3.55 -14.35 -17.42
N SER A 219 2.74 -14.99 -18.28
CA SER A 219 1.38 -14.52 -18.47
C SER A 219 0.50 -14.73 -17.22
N ASN A 220 -0.62 -14.02 -17.17
CA ASN A 220 -1.56 -14.26 -16.07
C ASN A 220 -1.99 -15.72 -16.01
N GLN A 221 -2.29 -16.35 -17.15
CA GLN A 221 -2.74 -17.74 -17.05
C GLN A 221 -1.59 -18.65 -16.62
N ASP A 222 -0.38 -18.33 -17.06
CA ASP A 222 0.78 -19.11 -16.62
C ASP A 222 0.97 -19.01 -15.11
N VAL A 223 0.77 -17.80 -14.55
CA VAL A 223 0.87 -17.65 -13.10
C VAL A 223 -0.17 -18.51 -12.39
N ILE A 224 -1.43 -18.42 -12.85
CA ILE A 224 -2.50 -19.20 -12.21
C ILE A 224 -2.18 -20.70 -12.27
N ASN A 225 -1.75 -21.18 -13.47
CA ASN A 225 -1.48 -22.61 -13.60
C ASN A 225 -0.29 -23.04 -12.74
N ALA A 226 0.76 -22.21 -12.69
CA ALA A 226 1.94 -22.54 -11.90
C ALA A 226 1.63 -22.60 -10.40
N ILE A 227 0.90 -21.60 -9.89
CA ILE A 227 0.56 -21.59 -8.47
C ILE A 227 -0.25 -22.83 -8.11
N GLU A 228 -1.14 -23.27 -9.02
CA GLU A 228 -1.96 -24.44 -8.74
C GLU A 228 -1.14 -25.72 -8.65
N GLN A 229 0.03 -25.76 -9.30
CA GLN A 229 0.96 -26.89 -9.25
C GLN A 229 2.06 -26.68 -8.21
N ASP A 230 1.83 -25.74 -7.30
CA ASP A 230 2.64 -25.46 -6.12
C ASP A 230 3.95 -24.78 -6.45
N TYR A 231 4.02 -24.03 -7.55
CA TYR A 231 5.17 -23.14 -7.77
C TYR A 231 4.98 -21.95 -6.85
N ARG A 232 6.08 -21.47 -6.26
CA ARG A 232 6.13 -20.19 -5.52
C ARG A 232 7.40 -19.47 -5.89
N LEU A 233 7.37 -18.13 -5.76
CA LEU A 233 8.53 -17.34 -6.15
C LEU A 233 9.73 -17.69 -5.29
N PRO A 234 10.94 -17.59 -5.91
CA PRO A 234 12.21 -17.93 -5.21
C PRO A 234 12.62 -16.77 -4.34
N PRO A 235 13.63 -16.93 -3.50
CA PRO A 235 14.12 -15.81 -2.71
C PRO A 235 14.76 -14.77 -3.61
N PRO A 236 14.44 -13.50 -3.39
CA PRO A 236 15.21 -12.47 -4.10
C PRO A 236 16.68 -12.57 -3.74
N MET A 237 17.51 -11.98 -4.58
CA MET A 237 18.95 -11.98 -4.31
C MET A 237 19.21 -11.38 -2.94
N ASP A 238 20.06 -12.08 -2.17
CA ASP A 238 20.50 -11.65 -0.85
C ASP A 238 19.36 -11.58 0.16
N CYS A 239 18.19 -12.17 -0.13
CA CYS A 239 17.12 -12.17 0.83
C CYS A 239 17.41 -13.17 1.94
N PRO A 240 17.35 -12.76 3.20
CA PRO A 240 17.43 -13.73 4.31
C PRO A 240 16.47 -14.89 4.14
N ALA A 241 16.95 -16.09 4.45
CA ALA A 241 16.08 -17.26 4.40
C ALA A 241 14.82 -17.09 5.24
N ALA A 242 14.94 -16.54 6.46
CA ALA A 242 13.75 -16.41 7.31
C ALA A 242 12.69 -15.47 6.71
N LEU A 243 13.11 -14.46 5.96
CA LEU A 243 12.12 -13.58 5.33
C LEU A 243 11.44 -14.32 4.18
N HIS A 244 12.22 -15.08 3.40
CA HIS A 244 11.56 -15.84 2.34
C HIS A 244 10.66 -16.91 2.91
N GLN A 245 11.01 -17.52 4.03
CA GLN A 245 10.08 -18.48 4.59
C GLN A 245 8.76 -17.81 5.01
N LEU A 246 8.84 -16.59 5.54
CA LEU A 246 7.62 -15.87 5.89
C LEU A 246 6.77 -15.60 4.65
N MET A 247 7.42 -15.30 3.50
CA MET A 247 6.67 -15.16 2.25
C MET A 247 5.94 -16.46 1.94
N LEU A 248 6.66 -17.58 2.02
CA LEU A 248 6.04 -18.87 1.69
C LEU A 248 4.89 -19.18 2.65
N ASP A 249 5.01 -18.78 3.92
CA ASP A 249 3.86 -18.94 4.84
C ASP A 249 2.65 -18.13 4.38
N CYS A 250 2.88 -16.88 3.88
CA CYS A 250 1.79 -16.06 3.35
C CYS A 250 1.17 -16.67 2.11
N TRP A 251 1.91 -17.55 1.43
CA TRP A 251 1.41 -18.15 0.21
C TRP A 251 0.95 -19.60 0.38
N GLN A 252 0.62 -20.01 1.58
CA GLN A 252 0.00 -21.34 1.69
C GLN A 252 -1.31 -21.41 0.91
N LYS A 253 -1.54 -22.55 0.26
CA LYS A 253 -2.79 -22.72 -0.48
C LYS A 253 -4.01 -22.58 0.41
N ASP A 254 -4.02 -23.24 1.60
CA ASP A 254 -5.20 -23.18 2.49
C ASP A 254 -5.15 -21.84 3.21
N ARG A 255 -6.16 -21.01 2.98
CA ARG A 255 -6.07 -19.64 3.49
C ARG A 255 -6.01 -19.60 5.02
N ASN A 256 -6.60 -20.59 5.70
CA ASN A 256 -6.55 -20.56 7.15
C ASN A 256 -5.20 -21.02 7.72
N SER A 257 -4.25 -21.51 6.88
CA SER A 257 -2.88 -21.85 7.29
C SER A 257 -1.93 -20.67 7.21
N ARG A 258 -2.36 -19.61 6.56
CA ARG A 258 -1.53 -18.43 6.42
C ARG A 258 -1.48 -17.73 7.77
N PRO A 259 -0.37 -17.07 8.10
CA PRO A 259 -0.35 -16.26 9.33
C PRO A 259 -1.32 -15.10 9.18
N ARG A 260 -1.85 -14.64 10.31
CA ARG A 260 -2.60 -13.38 10.32
C ARG A 260 -1.64 -12.20 10.39
N PHE A 261 -2.12 -10.98 10.09
CA PHE A 261 -1.20 -9.84 10.13
C PHE A 261 -0.61 -9.65 11.52
N ALA A 262 -1.37 -9.97 12.59
CA ALA A 262 -0.80 -9.85 13.95
C ALA A 262 0.45 -10.72 14.11
N GLU A 263 0.41 -11.95 13.58
CA GLU A 263 1.56 -12.81 13.64
C GLU A 263 2.69 -12.32 12.73
N ILE A 264 2.37 -11.81 11.55
CA ILE A 264 3.39 -11.22 10.69
C ILE A 264 4.14 -10.09 11.40
N VAL A 265 3.40 -9.17 12.05
CA VAL A 265 4.05 -8.09 12.79
C VAL A 265 4.95 -8.67 13.85
N ASN A 266 4.47 -9.66 14.60
CA ASN A 266 5.29 -10.23 15.67
CA ASN A 266 5.29 -10.22 15.67
C ASN A 266 6.56 -10.86 15.12
N THR A 267 6.45 -11.57 13.99
CA THR A 267 7.62 -12.20 13.39
C THR A 267 8.64 -11.16 12.94
N LEU A 268 8.19 -10.09 12.28
CA LEU A 268 9.11 -9.06 11.82
C LEU A 268 9.72 -8.31 13.00
N ASP A 269 8.93 -8.04 14.04
CA ASP A 269 9.48 -7.42 15.26
C ASP A 269 10.59 -8.29 15.83
N LYS A 270 10.39 -9.63 15.86
CA LYS A 270 11.43 -10.46 16.43
C LYS A 270 12.68 -10.44 15.56
N MET A 271 12.52 -10.34 14.24
CA MET A 271 13.69 -10.22 13.37
C MET A 271 14.42 -8.92 13.64
N ILE A 272 13.69 -7.80 13.84
CA ILE A 272 14.30 -6.51 14.12
C ILE A 272 15.00 -6.53 15.47
N ARG A 273 14.40 -7.22 16.45
CA ARG A 273 14.99 -7.28 17.79
C ARG A 273 16.18 -8.22 17.85
N ASN A 274 16.22 -9.21 16.96
CA ASN A 274 17.24 -10.26 16.96
C ASN A 274 17.87 -10.36 15.58
N PRO A 275 18.59 -9.33 15.15
CA PRO A 275 18.98 -9.27 13.72
C PRO A 275 19.91 -10.38 13.30
N ALA A 276 20.51 -11.15 14.22
CA ALA A 276 21.23 -12.34 13.78
C ALA A 276 20.35 -13.32 13.03
N SER A 277 19.03 -13.26 13.20
CA SER A 277 18.15 -14.18 12.52
C SER A 277 18.05 -13.87 11.04
N LEU A 278 18.54 -12.71 10.61
CA LEU A 278 18.55 -12.37 9.19
C LEU A 278 19.83 -12.83 8.50
#